data_4X9T
#
_entry.id   4X9T
#
_cell.length_a   31.976
_cell.length_b   79.244
_cell.length_c   111.583
_cell.angle_alpha   90.000
_cell.angle_beta   90.000
_cell.angle_gamma   90.000
#
_symmetry.space_group_name_H-M   'P 21 21 21'
#
loop_
_entity.id
_entity.type
_entity.pdbx_description
1 polymer 'Uncharacterized protein UPF0065'
2 non-polymer 'CHLORIDE ION'
3 water water
#
_entity_poly.entity_id   1
_entity_poly.type   'polypeptide(L)'
_entity_poly.pdbx_seq_one_letter_code
;(MSE)HHHHHHSSGVDLGTENLYFQS(MSE)QATYPSRPIELIVPYPAGGGTDVLGRAFALASVKHLPQNLIVVNKPGAS
GAIGWADVINGKPEGYKVALLATDL(MSE)TQPN(MSE)GLTKITHEDFIPIARLNYDPAAITVRADAPWNTVEEFLAAA
KQGDFRVGNGGNGSTWHLAAAAVEDKTGVKFNHIPFAGAAPAALSLLGGHIEAITVSAAEVYAYTSTGKLKTLAV(MSE)
SEQRIKGFEKVPTLKERNIDISIGTWRGLAVTKGTPPEIVNVLRAATAKIVTEQSLRDALDRQN(MSE)GYAYAEGEAFG
AV(MSE)ARDHAFYKGLINKLGLKQ
;
_entity_poly.pdbx_strand_id   A
#
loop_
_chem_comp.id
_chem_comp.type
_chem_comp.name
_chem_comp.formula
CL non-polymer 'CHLORIDE ION' 'Cl -1'
#
# COMPACT_ATOMS: atom_id res chain seq x y z
N THR A 26 -20.75 16.28 22.71
CA THR A 26 -20.67 15.98 21.29
C THR A 26 -19.27 15.54 20.88
N TYR A 27 -19.18 14.42 20.17
CA TYR A 27 -17.89 13.95 19.70
C TYR A 27 -17.42 14.76 18.48
N PRO A 28 -16.13 15.16 18.45
CA PRO A 28 -15.09 14.99 19.46
C PRO A 28 -15.09 16.15 20.44
N SER A 29 -14.78 15.87 21.70
CA SER A 29 -14.78 16.91 22.73
C SER A 29 -13.43 17.05 23.40
N ARG A 30 -12.43 16.34 22.88
CA ARG A 30 -11.05 16.51 23.34
C ARG A 30 -10.13 16.05 22.19
N PRO A 31 -8.80 16.28 22.31
CA PRO A 31 -7.94 15.94 21.18
C PRO A 31 -7.96 14.46 20.83
N ILE A 32 -7.77 14.20 19.55
CA ILE A 32 -7.73 12.85 19.00
C ILE A 32 -6.29 12.47 18.68
N GLU A 33 -5.81 11.36 19.21
CA GLU A 33 -4.48 10.86 18.85
C GLU A 33 -4.51 10.07 17.54
N LEU A 34 -3.61 10.43 16.64
CA LEU A 34 -3.38 9.65 15.44
C LEU A 34 -2.12 8.81 15.65
N ILE A 35 -2.31 7.51 15.83
CA ILE A 35 -1.23 6.59 16.17
C ILE A 35 -0.57 6.14 14.89
N VAL A 36 0.62 6.66 14.64
CA VAL A 36 1.38 6.39 13.42
C VAL A 36 2.49 5.41 13.73
N PRO A 37 2.40 4.17 13.20
CA PRO A 37 3.42 3.17 13.61
C PRO A 37 4.71 3.26 12.78
N TYR A 38 5.26 4.46 12.67
CA TYR A 38 6.45 4.74 11.90
C TYR A 38 7.22 5.80 12.66
N PRO A 39 8.55 5.80 12.53
CA PRO A 39 9.32 6.86 13.17
C PRO A 39 8.98 8.24 12.62
N ALA A 40 9.22 9.26 13.43
CA ALA A 40 9.08 10.64 12.97
C ALA A 40 10.02 10.90 11.79
N GLY A 41 9.55 11.67 10.82
CA GLY A 41 10.41 12.12 9.74
C GLY A 41 10.26 11.38 8.43
N GLY A 42 9.76 10.15 8.48
CA GLY A 42 9.59 9.36 7.27
C GLY A 42 8.31 9.72 6.53
N GLY A 43 8.07 9.07 5.39
CA GLY A 43 6.93 9.38 4.54
C GLY A 43 5.60 9.29 5.24
N THR A 44 5.39 8.26 6.04
CA THR A 44 4.10 8.06 6.66
C THR A 44 3.89 9.05 7.81
N ASP A 45 4.96 9.41 8.50
CA ASP A 45 4.87 10.48 9.50
C ASP A 45 4.44 11.78 8.80
N VAL A 46 5.07 12.08 7.67
CA VAL A 46 4.70 13.28 6.91
C VAL A 46 3.23 13.22 6.52
N LEU A 47 2.78 12.08 6.01
CA LEU A 47 1.37 11.91 5.64
C LEU A 47 0.45 12.13 6.84
N GLY A 48 0.79 11.51 7.97
CA GLY A 48 -0.01 11.64 9.18
C GLY A 48 -0.11 13.08 9.65
N ARG A 49 1.01 13.77 9.68
CA ARG A 49 1.00 15.16 10.14
C ARG A 49 0.33 16.09 9.12
N ALA A 50 0.43 15.76 7.84
CA ALA A 50 -0.28 16.53 6.82
C ALA A 50 -1.79 16.33 6.94
N PHE A 51 -2.22 15.10 7.24
CA PHE A 51 -3.63 14.83 7.44
C PHE A 51 -4.14 15.63 8.64
N ALA A 52 -3.36 15.63 9.72
CA ALA A 52 -3.73 16.37 10.91
C ALA A 52 -3.86 17.86 10.61
N LEU A 53 -2.90 18.41 9.86
CA LEU A 53 -2.95 19.83 9.50
C LEU A 53 -4.17 20.14 8.65
N ALA A 54 -4.48 19.25 7.72
CA ALA A 54 -5.63 19.45 6.84
C ALA A 54 -6.97 19.24 7.54
N SER A 55 -6.93 18.75 8.78
N SER A 55 -6.93 18.74 8.77
CA SER A 55 -8.17 18.43 9.50
CA SER A 55 -8.16 18.44 9.52
C SER A 55 -8.71 19.63 10.29
C SER A 55 -8.74 19.64 10.26
N VAL A 56 -7.96 20.72 10.34
CA VAL A 56 -8.33 21.85 11.22
C VAL A 56 -9.69 22.47 10.93
N LYS A 57 -10.05 22.59 9.65
CA LYS A 57 -11.35 23.17 9.29
C LYS A 57 -12.52 22.21 9.53
N HIS A 58 -12.20 20.92 9.64
CA HIS A 58 -13.23 19.91 9.50
C HIS A 58 -13.50 19.10 10.76
N LEU A 59 -12.63 19.24 11.75
CA LEU A 59 -12.87 18.68 13.08
C LEU A 59 -12.64 19.76 14.11
N PRO A 60 -13.49 19.82 15.15
CA PRO A 60 -13.41 20.89 16.15
C PRO A 60 -12.39 20.61 17.26
N GLN A 61 -11.65 19.52 17.14
CA GLN A 61 -10.58 19.18 18.09
C GLN A 61 -9.36 18.81 17.29
N ASN A 62 -8.18 19.01 17.87
CA ASN A 62 -6.93 18.73 17.18
C ASN A 62 -6.70 17.24 16.96
N LEU A 63 -6.05 16.90 15.85
CA LEU A 63 -5.48 15.58 15.67
C LEU A 63 -3.99 15.64 16.02
N ILE A 64 -3.58 14.78 16.93
CA ILE A 64 -2.22 14.81 17.48
C ILE A 64 -1.50 13.53 17.07
N VAL A 65 -0.41 13.67 16.33
CA VAL A 65 0.32 12.49 15.88
C VAL A 65 1.20 11.94 16.99
N VAL A 66 1.16 10.62 17.15
CA VAL A 66 2.06 9.90 18.02
C VAL A 66 2.81 8.88 17.16
N ASN A 67 4.14 8.89 17.24
CA ASN A 67 4.94 7.92 16.50
C ASN A 67 5.24 6.72 17.36
N LYS A 68 4.58 5.60 17.03
CA LYS A 68 4.75 4.38 17.81
C LYS A 68 5.07 3.19 16.91
N PRO A 69 6.29 3.17 16.34
CA PRO A 69 6.70 2.07 15.48
C PRO A 69 7.08 0.84 16.30
N GLY A 70 7.38 -0.24 15.59
CA GLY A 70 7.80 -1.47 16.21
C GLY A 70 6.88 -2.61 15.85
N ALA A 71 7.46 -3.79 15.66
CA ALA A 71 6.71 -5.01 15.38
C ALA A 71 5.78 -4.81 14.18
N SER A 72 6.28 -4.08 13.18
CA SER A 72 5.60 -3.88 11.89
C SER A 72 4.24 -3.22 12.06
N GLY A 73 4.07 -2.51 13.18
CA GLY A 73 2.84 -1.78 13.42
C GLY A 73 2.07 -2.29 14.63
N ALA A 74 2.42 -3.47 15.12
CA ALA A 74 1.58 -4.15 16.11
C ALA A 74 1.59 -3.49 17.48
N ILE A 75 2.67 -2.79 17.83
CA ILE A 75 2.69 -2.04 19.08
C ILE A 75 1.68 -0.89 18.98
N GLY A 76 1.67 -0.19 17.86
CA GLY A 76 0.69 0.85 17.62
C GLY A 76 -0.74 0.33 17.51
N TRP A 77 -0.92 -0.79 16.81
CA TRP A 77 -2.26 -1.39 16.73
C TRP A 77 -2.78 -1.74 18.10
N ALA A 78 -1.95 -2.33 18.95
CA ALA A 78 -2.36 -2.71 20.29
C ALA A 78 -2.78 -1.48 21.10
N ASP A 79 -2.08 -0.37 20.91
CA ASP A 79 -2.44 0.86 21.63
C ASP A 79 -3.87 1.26 21.32
N VAL A 80 -4.25 1.15 20.06
CA VAL A 80 -5.59 1.52 19.63
C VAL A 80 -6.64 0.47 20.06
N ILE A 81 -6.32 -0.80 19.80
CA ILE A 81 -7.25 -1.89 20.11
C ILE A 81 -7.55 -2.00 21.60
N ASN A 82 -6.52 -1.79 22.42
CA ASN A 82 -6.67 -1.89 23.86
C ASN A 82 -7.22 -0.61 24.48
N GLY A 83 -7.27 0.45 23.69
CA GLY A 83 -7.80 1.73 24.16
C GLY A 83 -9.31 1.73 24.18
N LYS A 84 -9.89 2.73 24.81
CA LYS A 84 -11.35 2.80 24.88
C LYS A 84 -11.97 3.06 23.52
N PRO A 85 -13.19 2.54 23.30
CA PRO A 85 -13.89 2.75 22.03
C PRO A 85 -14.59 4.11 22.01
N GLU A 86 -13.83 5.17 22.24
CA GLU A 86 -14.40 6.51 22.42
C GLU A 86 -14.03 7.47 21.28
N GLY A 87 -13.26 7.01 20.31
CA GLY A 87 -12.91 7.84 19.17
C GLY A 87 -11.71 8.75 19.35
N TYR A 88 -10.95 8.58 20.44
CA TYR A 88 -9.82 9.50 20.65
C TYR A 88 -8.47 8.85 20.33
N LYS A 89 -8.51 7.66 19.73
CA LYS A 89 -7.34 7.03 19.13
C LYS A 89 -7.71 6.56 17.74
N VAL A 90 -6.95 6.98 16.74
CA VAL A 90 -7.13 6.57 15.36
C VAL A 90 -5.85 5.91 14.90
N ALA A 91 -5.95 4.69 14.38
CA ALA A 91 -4.79 3.98 13.86
C ALA A 91 -4.52 4.38 12.42
N LEU A 92 -3.26 4.68 12.13
CA LEU A 92 -2.81 4.77 10.75
C LEU A 92 -2.39 3.36 10.33
N LEU A 93 -3.34 2.67 9.71
CA LEU A 93 -3.14 1.31 9.23
C LEU A 93 -2.33 1.26 7.95
N ALA A 94 -1.61 0.15 7.78
CA ALA A 94 -0.76 -0.05 6.62
C ALA A 94 -0.72 -1.52 6.24
N THR A 95 -0.09 -1.77 5.10
CA THR A 95 -0.02 -3.08 4.46
C THR A 95 0.36 -4.24 5.38
N ASP A 96 1.20 -3.96 6.37
CA ASP A 96 1.70 -4.98 7.31
C ASP A 96 0.59 -5.72 8.03
N LEU A 97 -0.56 -5.06 8.17
CA LEU A 97 -1.72 -5.68 8.80
C LEU A 97 -2.23 -6.90 8.00
N MSE A 98 -1.89 -6.96 6.71
CA MSE A 98 -2.29 -8.06 5.85
C MSE A 98 -1.36 -9.26 5.96
O MSE A 98 -1.78 -10.41 5.77
CB MSE A 98 -2.32 -7.62 4.38
CG MSE A 98 -3.20 -6.42 4.08
SE MSE A 98 -5.10 -6.77 4.33
CE MSE A 98 -5.34 -6.13 6.15
N THR A 99 -0.09 -8.99 6.21
CA THR A 99 0.90 -10.04 6.17
C THR A 99 1.25 -10.59 7.55
N GLN A 100 1.39 -9.72 8.54
CA GLN A 100 1.82 -10.17 9.87
C GLN A 100 0.93 -11.28 10.47
N PRO A 101 -0.41 -11.11 10.52
CA PRO A 101 -1.18 -12.22 11.09
C PRO A 101 -1.12 -13.49 10.24
N ASN A 102 -1.04 -13.34 8.93
CA ASN A 102 -1.01 -14.49 8.04
C ASN A 102 0.33 -15.21 8.05
N MSE A 103 1.33 -14.57 8.65
CA MSE A 103 2.63 -15.21 8.86
C MSE A 103 2.71 -15.77 10.28
O MSE A 103 3.75 -16.29 10.69
CB MSE A 103 3.76 -14.20 8.61
CG MSE A 103 3.86 -13.76 7.15
SE MSE A 103 4.94 -12.14 6.94
CE MSE A 103 6.66 -12.84 7.55
N GLY A 104 1.61 -15.69 11.00
CA GLY A 104 1.53 -16.21 12.36
C GLY A 104 2.33 -15.40 13.37
N LEU A 105 2.50 -14.11 13.09
CA LEU A 105 3.35 -13.27 13.93
C LEU A 105 2.54 -12.36 14.86
N THR A 106 1.22 -12.32 14.65
CA THR A 106 0.32 -11.59 15.52
C THR A 106 -1.09 -12.15 15.38
N LYS A 107 -1.89 -11.96 16.43
CA LYS A 107 -3.30 -12.35 16.41
C LYS A 107 -4.16 -11.19 15.92
N ILE A 108 -3.57 -10.01 15.82
CA ILE A 108 -4.27 -8.81 15.37
C ILE A 108 -4.58 -8.91 13.88
N THR A 109 -5.81 -8.60 13.50
CA THR A 109 -6.17 -8.58 12.09
C THR A 109 -7.04 -7.36 11.80
N HIS A 110 -7.38 -7.20 10.52
CA HIS A 110 -8.21 -6.08 10.11
C HIS A 110 -9.56 -6.09 10.81
N GLU A 111 -10.01 -7.26 11.27
CA GLU A 111 -11.32 -7.34 11.93
C GLU A 111 -11.32 -6.76 13.34
N ASP A 112 -10.14 -6.39 13.84
CA ASP A 112 -10.06 -5.71 15.13
C ASP A 112 -10.34 -4.21 15.00
N PHE A 113 -10.59 -3.76 13.77
CA PHE A 113 -10.77 -2.34 13.50
C PHE A 113 -12.06 -2.07 12.77
N ILE A 114 -12.55 -0.85 12.91
CA ILE A 114 -13.57 -0.29 12.01
C ILE A 114 -12.89 0.72 11.11
N PRO A 115 -12.98 0.51 9.79
CA PRO A 115 -12.26 1.40 8.88
C PRO A 115 -12.92 2.77 8.76
N ILE A 116 -12.07 3.81 8.73
CA ILE A 116 -12.55 5.15 8.44
C ILE A 116 -12.40 5.43 6.94
N ALA A 117 -11.18 5.24 6.41
CA ALA A 117 -10.91 5.47 4.99
C ALA A 117 -9.52 4.99 4.60
N ARG A 118 -9.35 4.63 3.33
CA ARG A 118 -8.00 4.50 2.78
C ARG A 118 -7.54 5.87 2.30
N LEU A 119 -6.24 6.15 2.42
CA LEU A 119 -5.66 7.42 1.94
C LEU A 119 -4.75 7.24 0.73
N ASN A 120 -3.97 6.16 0.73
CA ASN A 120 -2.87 5.97 -0.19
C ASN A 120 -2.82 4.52 -0.65
N TYR A 121 -2.46 4.31 -1.93
CA TYR A 121 -2.22 2.98 -2.47
C TYR A 121 -1.16 3.13 -3.55
N ASP A 122 -0.08 2.37 -3.44
CA ASP A 122 0.99 2.36 -4.43
C ASP A 122 1.11 0.96 -5.00
N PRO A 123 0.44 0.69 -6.14
CA PRO A 123 0.47 -0.65 -6.70
C PRO A 123 1.83 -1.09 -7.20
N ALA A 124 2.07 -2.40 -7.12
CA ALA A 124 3.21 -3.01 -7.78
C ALA A 124 3.04 -2.90 -9.30
N ALA A 125 4.13 -3.15 -10.02
CA ALA A 125 4.09 -3.13 -11.48
C ALA A 125 5.12 -4.13 -12.01
N ILE A 126 4.96 -4.53 -13.26
CA ILE A 126 5.99 -5.33 -13.93
C ILE A 126 6.80 -4.40 -14.83
N THR A 127 8.06 -4.21 -14.48
CA THR A 127 8.91 -3.23 -15.16
C THR A 127 10.17 -3.91 -15.67
N VAL A 128 10.54 -3.60 -16.90
CA VAL A 128 11.73 -4.14 -17.55
C VAL A 128 12.60 -2.98 -18.06
N ARG A 129 13.80 -3.29 -18.51
CA ARG A 129 14.64 -2.24 -19.10
C ARG A 129 14.02 -1.76 -20.41
N ALA A 130 14.23 -0.49 -20.76
CA ALA A 130 13.61 0.08 -21.95
C ALA A 130 13.99 -0.67 -23.22
N ASP A 131 15.17 -1.28 -23.24
CA ASP A 131 15.66 -1.98 -24.43
C ASP A 131 15.28 -3.45 -24.44
N ALA A 132 14.48 -3.90 -23.47
CA ALA A 132 14.05 -5.29 -23.41
C ALA A 132 13.32 -5.70 -24.68
N PRO A 133 13.47 -6.97 -25.10
CA PRO A 133 12.80 -7.41 -26.33
C PRO A 133 11.27 -7.44 -26.22
N TRP A 134 10.74 -7.44 -25.00
CA TRP A 134 9.31 -7.61 -24.75
C TRP A 134 8.59 -6.27 -24.72
N ASN A 135 7.52 -6.15 -25.50
CA ASN A 135 6.78 -4.90 -25.59
C ASN A 135 5.41 -4.95 -24.92
N THR A 136 4.99 -6.14 -24.50
CA THR A 136 3.71 -6.33 -23.81
C THR A 136 3.93 -7.31 -22.68
N VAL A 137 3.04 -7.29 -21.69
CA VAL A 137 3.15 -8.23 -20.60
C VAL A 137 2.96 -9.67 -21.11
N GLU A 138 2.16 -9.84 -22.15
CA GLU A 138 1.97 -11.17 -22.71
C GLU A 138 3.26 -11.72 -23.33
N GLU A 139 3.99 -10.87 -24.06
CA GLU A 139 5.28 -11.27 -24.61
C GLU A 139 6.27 -11.60 -23.51
N PHE A 140 6.28 -10.80 -22.45
CA PHE A 140 7.17 -11.03 -21.33
C PHE A 140 6.89 -12.38 -20.68
N LEU A 141 5.62 -12.66 -20.45
CA LEU A 141 5.27 -13.93 -19.80
C LEU A 141 5.57 -15.14 -20.68
N ALA A 142 5.37 -15.01 -21.99
CA ALA A 142 5.64 -16.13 -22.90
C ALA A 142 7.15 -16.44 -22.93
N ALA A 143 7.96 -15.38 -22.85
CA ALA A 143 9.40 -15.54 -22.79
C ALA A 143 9.83 -16.15 -21.44
N ALA A 144 9.28 -15.60 -20.37
CA ALA A 144 9.62 -16.03 -19.02
C ALA A 144 9.28 -17.50 -18.79
N LYS A 145 8.22 -18.00 -19.42
CA LYS A 145 7.83 -19.37 -19.21
C LYS A 145 8.86 -20.35 -19.78
N GLN A 146 9.73 -19.86 -20.67
CA GLN A 146 10.78 -20.66 -21.27
C GLN A 146 12.06 -20.66 -20.43
N GLY A 147 12.09 -19.89 -19.35
CA GLY A 147 13.32 -19.77 -18.60
C GLY A 147 13.13 -19.54 -17.12
N ASP A 148 14.14 -18.92 -16.53
CA ASP A 148 14.19 -18.64 -15.10
C ASP A 148 14.53 -17.18 -14.95
N PHE A 149 13.59 -16.32 -15.34
CA PHE A 149 13.86 -14.89 -15.34
C PHE A 149 14.06 -14.37 -13.93
N ARG A 150 15.07 -13.51 -13.77
CA ARG A 150 15.41 -12.93 -12.50
C ARG A 150 14.56 -11.70 -12.26
N VAL A 151 13.75 -11.74 -11.21
CA VAL A 151 12.83 -10.65 -10.89
C VAL A 151 13.21 -10.06 -9.54
N GLY A 152 13.62 -8.80 -9.56
CA GLY A 152 14.10 -8.15 -8.36
C GLY A 152 12.97 -7.61 -7.49
N ASN A 153 13.20 -7.68 -6.18
CA ASN A 153 12.25 -7.16 -5.21
C ASN A 153 13.02 -6.51 -4.05
N GLY A 154 12.29 -5.98 -3.08
CA GLY A 154 12.89 -5.20 -2.01
C GLY A 154 13.12 -5.96 -0.71
N GLY A 155 13.03 -7.29 -0.78
CA GLY A 155 13.25 -8.11 0.39
C GLY A 155 12.33 -9.31 0.39
N ASN A 156 12.83 -10.44 0.87
CA ASN A 156 12.04 -11.65 0.95
C ASN A 156 10.80 -11.46 1.83
N GLY A 157 9.64 -11.83 1.31
CA GLY A 157 8.40 -11.81 2.08
C GLY A 157 7.75 -10.45 2.16
N SER A 158 8.34 -9.45 1.51
CA SER A 158 7.73 -8.14 1.49
C SER A 158 6.87 -7.98 0.24
N THR A 159 6.24 -6.81 0.13
CA THR A 159 5.18 -6.62 -0.86
C THR A 159 5.60 -6.95 -2.28
N TRP A 160 6.80 -6.52 -2.69
CA TRP A 160 7.17 -6.65 -4.09
C TRP A 160 7.57 -8.09 -4.42
N HIS A 161 8.12 -8.80 -3.44
CA HIS A 161 8.35 -10.23 -3.60
C HIS A 161 7.02 -10.94 -3.78
N LEU A 162 6.06 -10.65 -2.90
CA LEU A 162 4.75 -11.28 -2.94
C LEU A 162 4.04 -10.94 -4.25
N ALA A 163 4.27 -9.74 -4.77
CA ALA A 163 3.70 -9.36 -6.06
C ALA A 163 4.21 -10.27 -7.17
N ALA A 164 5.51 -10.56 -7.18
CA ALA A 164 6.06 -11.44 -8.19
C ALA A 164 5.53 -12.87 -7.99
N ALA A 165 5.40 -13.29 -6.74
CA ALA A 165 4.85 -14.61 -6.44
C ALA A 165 3.39 -14.71 -6.87
N ALA A 166 2.65 -13.62 -6.74
CA ALA A 166 1.26 -13.60 -7.17
C ALA A 166 1.16 -13.81 -8.67
N VAL A 167 2.07 -13.20 -9.42
CA VAL A 167 2.12 -13.40 -10.86
C VAL A 167 2.42 -14.87 -11.19
N GLU A 168 3.35 -15.49 -10.48
CA GLU A 168 3.64 -16.91 -10.69
C GLU A 168 2.39 -17.74 -10.46
N ASP A 169 1.67 -17.41 -9.40
CA ASP A 169 0.49 -18.17 -9.02
C ASP A 169 -0.60 -18.14 -10.10
N LYS A 170 -0.80 -16.99 -10.71
CA LYS A 170 -1.87 -16.83 -11.70
C LYS A 170 -1.48 -17.21 -13.11
N THR A 171 -0.19 -17.17 -13.42
CA THR A 171 0.26 -17.42 -14.80
C THR A 171 0.99 -18.74 -15.00
N GLY A 172 1.50 -19.34 -13.93
CA GLY A 172 2.23 -20.60 -14.06
C GLY A 172 3.70 -20.42 -14.38
N VAL A 173 4.13 -19.18 -14.57
CA VAL A 173 5.55 -18.90 -14.76
C VAL A 173 6.28 -19.13 -13.46
N LYS A 174 7.57 -19.45 -13.54
CA LYS A 174 8.42 -19.57 -12.38
C LYS A 174 9.61 -18.62 -12.52
N PHE A 175 9.69 -17.64 -11.62
CA PHE A 175 10.80 -16.70 -11.59
C PHE A 175 11.93 -17.14 -10.66
N ASN A 176 13.10 -16.55 -10.86
CA ASN A 176 14.20 -16.54 -9.89
C ASN A 176 14.05 -15.23 -9.10
N HIS A 177 13.50 -15.30 -7.89
CA HIS A 177 13.31 -14.08 -7.09
C HIS A 177 14.64 -13.55 -6.57
N ILE A 178 14.88 -12.27 -6.79
CA ILE A 178 16.13 -11.65 -6.37
C ILE A 178 15.87 -10.54 -5.37
N PRO A 179 15.92 -10.86 -4.06
CA PRO A 179 15.76 -9.78 -3.08
C PRO A 179 16.99 -8.90 -2.95
N PHE A 180 16.72 -7.60 -2.86
CA PHE A 180 17.71 -6.56 -2.56
C PHE A 180 17.35 -5.89 -1.25
N ALA A 181 18.22 -4.99 -0.80
CA ALA A 181 17.94 -4.19 0.38
C ALA A 181 17.05 -3.01 0.05
N GLY A 182 15.80 -3.31 -0.31
CA GLY A 182 14.87 -2.27 -0.69
C GLY A 182 14.67 -2.18 -2.19
N ALA A 183 13.70 -1.37 -2.59
CA ALA A 183 13.29 -1.30 -3.98
C ALA A 183 14.28 -0.54 -4.87
N ALA A 184 14.94 0.47 -4.32
CA ALA A 184 15.82 1.28 -5.15
C ALA A 184 17.01 0.48 -5.70
N PRO A 185 17.69 -0.33 -4.87
CA PRO A 185 18.77 -1.13 -5.47
C PRO A 185 18.28 -2.13 -6.52
N ALA A 186 17.05 -2.63 -6.38
CA ALA A 186 16.49 -3.52 -7.39
C ALA A 186 16.32 -2.79 -8.73
N ALA A 187 15.81 -1.56 -8.69
CA ALA A 187 15.67 -0.77 -9.90
C ALA A 187 17.03 -0.47 -10.53
N LEU A 188 18.03 -0.15 -9.71
CA LEU A 188 19.36 0.11 -10.26
C LEU A 188 19.96 -1.13 -10.90
N SER A 189 19.70 -2.30 -10.32
CA SER A 189 20.15 -3.56 -10.89
C SER A 189 19.53 -3.76 -12.27
N LEU A 190 18.23 -3.53 -12.37
CA LEU A 190 17.55 -3.66 -13.64
C LEU A 190 18.13 -2.69 -14.68
N LEU A 191 18.36 -1.45 -14.27
CA LEU A 191 18.97 -0.47 -15.14
C LEU A 191 20.34 -0.93 -15.66
N GLY A 192 21.07 -1.66 -14.83
CA GLY A 192 22.39 -2.15 -15.20
C GLY A 192 22.38 -3.42 -16.04
N GLY A 193 21.19 -4.00 -16.22
CA GLY A 193 21.04 -5.21 -17.01
C GLY A 193 21.39 -6.48 -16.28
N HIS A 194 21.31 -6.46 -14.95
CA HIS A 194 21.77 -7.58 -14.14
C HIS A 194 20.64 -8.54 -13.77
N ILE A 195 19.40 -8.11 -14.01
CA ILE A 195 18.22 -8.94 -13.77
C ILE A 195 17.25 -8.62 -14.90
N GLU A 196 16.15 -9.37 -15.00
CA GLU A 196 15.26 -9.26 -16.17
C GLU A 196 14.09 -8.32 -15.94
N ALA A 197 13.59 -8.27 -14.71
CA ALA A 197 12.43 -7.45 -14.39
C ALA A 197 12.42 -7.13 -12.91
N ILE A 198 11.57 -6.18 -12.53
CA ILE A 198 11.29 -5.92 -11.12
C ILE A 198 9.79 -5.78 -10.93
N THR A 199 9.33 -6.09 -9.72
CA THR A 199 7.92 -5.98 -9.37
C THR A 199 7.73 -5.01 -8.20
N VAL A 200 8.61 -4.01 -8.14
CA VAL A 200 8.47 -2.94 -7.16
C VAL A 200 7.35 -1.98 -7.60
N SER A 201 7.08 -0.97 -6.79
CA SER A 201 5.94 -0.09 -7.08
C SER A 201 6.13 0.71 -8.37
N ALA A 202 5.03 0.99 -9.05
CA ALA A 202 5.05 1.93 -10.14
C ALA A 202 5.67 3.26 -9.71
N ALA A 203 5.35 3.72 -8.50
CA ALA A 203 5.87 4.98 -8.00
C ALA A 203 7.40 4.98 -7.99
N GLU A 204 7.99 3.84 -7.66
CA GLU A 204 9.45 3.77 -7.57
C GLU A 204 10.13 3.71 -8.93
N VAL A 205 9.41 3.37 -9.99
CA VAL A 205 10.05 3.33 -11.30
C VAL A 205 9.66 4.50 -12.19
N TYR A 206 8.72 5.34 -11.76
CA TYR A 206 8.23 6.42 -12.62
C TYR A 206 9.36 7.35 -13.07
N ALA A 207 10.31 7.62 -12.19
CA ALA A 207 11.43 8.49 -12.55
C ALA A 207 12.17 7.95 -13.78
N TYR A 208 12.15 6.64 -13.95
CA TYR A 208 12.87 5.99 -15.04
C TYR A 208 12.00 5.70 -16.25
N THR A 209 10.72 5.39 -16.03
CA THR A 209 9.83 5.11 -17.15
C THR A 209 9.49 6.42 -17.88
N SER A 210 9.34 7.51 -17.13
CA SER A 210 9.01 8.80 -17.73
C SER A 210 10.19 9.40 -18.49
N THR A 211 11.38 8.83 -18.31
CA THR A 211 12.58 9.36 -18.94
C THR A 211 13.22 8.33 -19.87
N GLY A 212 12.46 7.29 -20.20
CA GLY A 212 12.84 6.32 -21.21
C GLY A 212 13.92 5.30 -20.85
N LYS A 213 14.20 5.12 -19.57
CA LYS A 213 15.24 4.18 -19.15
C LYS A 213 14.69 2.80 -18.80
N LEU A 214 13.48 2.77 -18.26
CA LEU A 214 12.74 1.53 -18.00
C LEU A 214 11.40 1.62 -18.69
N LYS A 215 10.71 0.49 -18.85
CA LYS A 215 9.34 0.52 -19.34
C LYS A 215 8.50 -0.45 -18.53
N THR A 216 7.27 -0.03 -18.25
CA THR A 216 6.36 -0.81 -17.43
C THR A 216 5.32 -1.49 -18.33
N LEU A 217 5.18 -2.81 -18.16
CA LEU A 217 4.32 -3.62 -19.01
C LEU A 217 2.92 -3.81 -18.40
N ALA A 218 2.79 -3.69 -17.09
CA ALA A 218 1.49 -3.82 -16.44
C ALA A 218 1.57 -3.27 -15.03
N VAL A 219 0.44 -2.71 -14.56
CA VAL A 219 0.35 -2.25 -13.19
C VAL A 219 -0.64 -3.13 -12.45
N MSE A 220 -0.28 -3.55 -11.25
CA MSE A 220 -1.12 -4.48 -10.48
C MSE A 220 -2.14 -3.74 -9.62
O MSE A 220 -2.09 -3.77 -8.38
CB MSE A 220 -0.25 -5.39 -9.61
CG MSE A 220 0.93 -5.96 -10.37
SE MSE A 220 1.65 -7.53 -9.48
CE MSE A 220 3.46 -7.51 -10.21
N SER A 221 -3.07 -3.07 -10.30
CA SER A 221 -4.03 -2.19 -9.66
C SER A 221 -5.44 -2.47 -10.13
N GLU A 222 -6.43 -1.81 -9.53
CA GLU A 222 -7.81 -1.99 -9.93
C GLU A 222 -8.12 -1.19 -11.19
N GLN A 223 -7.38 -0.11 -11.39
CA GLN A 223 -7.65 0.83 -12.47
C GLN A 223 -6.33 1.43 -12.91
N ARG A 224 -6.29 2.01 -14.11
CA ARG A 224 -5.05 2.60 -14.56
C ARG A 224 -4.71 3.80 -13.67
N ILE A 225 -3.41 4.02 -13.45
CA ILE A 225 -3.01 5.07 -12.52
C ILE A 225 -2.30 6.23 -13.20
N LYS A 226 -2.35 7.38 -12.53
CA LYS A 226 -1.69 8.61 -13.00
C LYS A 226 -0.20 8.38 -13.28
N GLY A 227 0.26 8.83 -14.44
CA GLY A 227 1.64 8.64 -14.84
C GLY A 227 1.87 7.36 -15.64
N PHE A 228 0.87 6.47 -15.62
CA PHE A 228 0.91 5.19 -16.31
C PHE A 228 -0.39 4.93 -17.06
N GLU A 229 -1.05 5.98 -17.54
CA GLU A 229 -2.37 5.82 -18.13
C GLU A 229 -2.38 4.99 -19.41
N LYS A 230 -1.21 4.82 -20.02
CA LYS A 230 -1.12 4.02 -21.25
C LYS A 230 -0.74 2.56 -20.96
N VAL A 231 -0.59 2.24 -19.69
CA VAL A 231 -0.18 0.91 -19.27
C VAL A 231 -1.38 0.13 -18.73
N PRO A 232 -1.66 -1.07 -19.28
CA PRO A 232 -2.81 -1.82 -18.77
C PRO A 232 -2.59 -2.33 -17.36
N THR A 233 -3.68 -2.50 -16.62
CA THR A 233 -3.60 -3.25 -15.40
C THR A 233 -3.50 -4.73 -15.74
N LEU A 234 -3.00 -5.54 -14.80
CA LEU A 234 -3.06 -6.98 -14.99
C LEU A 234 -4.51 -7.46 -15.11
N LYS A 235 -5.41 -6.87 -14.33
CA LYS A 235 -6.80 -7.31 -14.33
C LYS A 235 -7.44 -7.12 -15.70
N GLU A 236 -7.15 -6.02 -16.38
CA GLU A 236 -7.77 -5.81 -17.68
C GLU A 236 -7.16 -6.73 -18.75
N ARG A 237 -6.03 -7.35 -18.43
CA ARG A 237 -5.40 -8.36 -19.28
C ARG A 237 -5.72 -9.77 -18.78
N ASN A 238 -6.77 -9.88 -17.97
CA ASN A 238 -7.29 -11.16 -17.50
C ASN A 238 -6.32 -11.90 -16.57
N ILE A 239 -5.58 -11.12 -15.79
CA ILE A 239 -4.72 -11.69 -14.77
C ILE A 239 -5.12 -11.01 -13.46
N ASP A 240 -5.81 -11.76 -12.58
CA ASP A 240 -6.52 -11.17 -11.47
C ASP A 240 -5.64 -10.92 -10.26
N ILE A 241 -4.88 -9.82 -10.31
N ILE A 241 -4.84 -9.85 -10.32
CA ILE A 241 -3.98 -9.44 -9.23
CA ILE A 241 -4.01 -9.44 -9.20
C ILE A 241 -4.01 -7.94 -8.99
C ILE A 241 -4.03 -7.94 -8.99
N SER A 242 -4.26 -7.55 -7.74
CA SER A 242 -4.08 -6.17 -7.32
C SER A 242 -3.28 -6.23 -6.03
N ILE A 243 -2.10 -5.63 -6.03
CA ILE A 243 -1.27 -5.67 -4.83
C ILE A 243 -0.35 -4.45 -4.81
N GLY A 244 -0.11 -3.93 -3.62
CA GLY A 244 0.73 -2.75 -3.44
C GLY A 244 0.69 -2.33 -1.99
N THR A 245 1.46 -1.31 -1.66
CA THR A 245 1.46 -0.81 -0.29
C THR A 245 0.36 0.23 -0.12
N TRP A 246 -0.16 0.36 1.09
CA TRP A 246 -1.23 1.32 1.32
C TRP A 246 -1.20 1.85 2.74
N ARG A 247 -1.91 2.95 2.93
CA ARG A 247 -2.05 3.61 4.23
C ARG A 247 -3.51 4.03 4.37
N GLY A 248 -4.06 3.82 5.56
CA GLY A 248 -5.43 4.22 5.83
C GLY A 248 -5.63 4.52 7.30
N LEU A 249 -6.89 4.74 7.66
CA LEU A 249 -7.28 5.18 9.00
C LEU A 249 -8.38 4.27 9.53
N ALA A 250 -8.31 3.97 10.83
CA ALA A 250 -9.30 3.11 11.47
C ALA A 250 -9.40 3.39 12.96
N VAL A 251 -10.51 2.99 13.56
CA VAL A 251 -10.66 3.03 15.02
C VAL A 251 -10.88 1.60 15.52
N THR A 252 -10.88 1.43 16.84
CA THR A 252 -11.03 0.08 17.37
C THR A 252 -12.45 -0.43 17.14
N LYS A 253 -12.55 -1.75 16.96
CA LYS A 253 -13.84 -2.42 16.94
C LYS A 253 -14.66 -2.04 18.17
N GLY A 254 -15.97 -1.82 17.99
CA GLY A 254 -16.82 -1.49 19.11
C GLY A 254 -17.07 -0.01 19.29
N THR A 255 -16.39 0.81 18.49
CA THR A 255 -16.61 2.25 18.52
C THR A 255 -18.03 2.55 18.03
N PRO A 256 -18.78 3.39 18.76
CA PRO A 256 -20.15 3.72 18.34
C PRO A 256 -20.25 4.26 16.92
N PRO A 257 -21.30 3.89 16.19
CA PRO A 257 -21.44 4.30 14.78
C PRO A 257 -21.49 5.81 14.60
N GLU A 258 -22.05 6.52 15.57
CA GLU A 258 -22.14 7.98 15.46
C GLU A 258 -20.74 8.60 15.44
N ILE A 259 -19.82 8.00 16.19
CA ILE A 259 -18.45 8.46 16.24
C ILE A 259 -17.70 8.09 14.95
N VAL A 260 -17.86 6.85 14.51
CA VAL A 260 -17.33 6.43 13.23
C VAL A 260 -17.78 7.37 12.11
N ASN A 261 -19.05 7.74 12.13
CA ASN A 261 -19.57 8.58 11.07
C ASN A 261 -19.01 10.01 11.12
N VAL A 262 -18.78 10.54 12.32
CA VAL A 262 -18.14 11.84 12.42
C VAL A 262 -16.77 11.80 11.76
N LEU A 263 -16.01 10.74 12.02
CA LEU A 263 -14.69 10.61 11.44
C LEU A 263 -14.74 10.35 9.92
N ARG A 264 -15.68 9.54 9.45
CA ARG A 264 -15.80 9.29 8.03
C ARG A 264 -16.19 10.54 7.27
N ALA A 265 -17.15 11.30 7.81
CA ALA A 265 -17.59 12.53 7.16
C ALA A 265 -16.46 13.56 7.12
N ALA A 266 -15.74 13.71 8.23
CA ALA A 266 -14.63 14.66 8.25
C ALA A 266 -13.54 14.24 7.26
N THR A 267 -13.24 12.95 7.20
CA THR A 267 -12.18 12.47 6.31
C THR A 267 -12.55 12.71 4.85
N ALA A 268 -13.83 12.57 4.51
CA ALA A 268 -14.26 12.84 3.15
C ALA A 268 -13.98 14.29 2.75
N LYS A 269 -14.05 15.20 3.72
CA LYS A 269 -13.71 16.61 3.48
C LYS A 269 -12.20 16.81 3.46
N ILE A 270 -11.52 16.20 4.41
CA ILE A 270 -10.09 16.42 4.57
C ILE A 270 -9.30 15.98 3.34
N VAL A 271 -9.71 14.89 2.70
CA VAL A 271 -8.96 14.41 1.54
C VAL A 271 -9.11 15.31 0.33
N THR A 272 -10.03 16.27 0.36
CA THR A 272 -10.13 17.24 -0.72
C THR A 272 -9.22 18.45 -0.52
N GLU A 273 -8.56 18.52 0.62
CA GLU A 273 -7.62 19.62 0.89
C GLU A 273 -6.37 19.53 0.03
N GLN A 274 -6.06 20.60 -0.68
CA GLN A 274 -4.89 20.64 -1.54
C GLN A 274 -3.60 20.37 -0.77
N SER A 275 -3.52 20.86 0.47
CA SER A 275 -2.31 20.66 1.27
C SER A 275 -2.02 19.17 1.47
N LEU A 276 -3.05 18.37 1.65
CA LEU A 276 -2.86 16.93 1.85
C LEU A 276 -2.39 16.28 0.56
N ARG A 277 -3.00 16.66 -0.55
CA ARG A 277 -2.61 16.10 -1.85
C ARG A 277 -1.17 16.51 -2.18
N ASP A 278 -0.80 17.73 -1.82
CA ASP A 278 0.57 18.20 -2.04
C ASP A 278 1.56 17.37 -1.23
N ALA A 279 1.21 17.06 0.01
CA ALA A 279 2.09 16.27 0.88
C ALA A 279 2.32 14.87 0.30
N LEU A 280 1.25 14.23 -0.15
CA LEU A 280 1.36 12.94 -0.82
C LEU A 280 2.28 13.03 -2.02
N ASP A 281 2.11 14.07 -2.84
CA ASP A 281 2.98 14.24 -4.00
C ASP A 281 4.46 14.40 -3.62
N ARG A 282 4.75 15.20 -2.60
CA ARG A 282 6.14 15.38 -2.18
C ARG A 282 6.79 14.09 -1.73
N GLN A 283 6.00 13.20 -1.15
CA GLN A 283 6.52 11.93 -0.66
C GLN A 283 6.45 10.81 -1.71
N ASN A 284 6.05 11.18 -2.93
CA ASN A 284 5.87 10.21 -4.01
C ASN A 284 4.95 9.03 -3.59
N MSE A 285 3.85 9.37 -2.93
CA MSE A 285 2.84 8.41 -2.49
C MSE A 285 1.55 8.68 -3.24
O MSE A 285 1.05 9.81 -3.24
CB MSE A 285 2.64 8.50 -0.97
CG MSE A 285 3.90 8.19 -0.14
SE MSE A 285 3.76 8.52 1.78
CE MSE A 285 2.60 7.03 2.24
N GLY A 286 0.99 7.65 -3.87
CA GLY A 286 -0.23 7.82 -4.64
C GLY A 286 -1.47 8.08 -3.81
N TYR A 287 -2.28 9.02 -4.28
CA TYR A 287 -3.57 9.32 -3.67
C TYR A 287 -4.56 8.22 -4.02
N ALA A 288 -5.21 7.63 -3.03
CA ALA A 288 -6.17 6.58 -3.32
C ALA A 288 -7.20 6.52 -2.21
N TYR A 289 -7.99 7.57 -2.12
CA TYR A 289 -9.05 7.65 -1.13
C TYR A 289 -10.09 6.56 -1.41
N ALA A 290 -10.43 5.80 -0.37
CA ALA A 290 -11.55 4.87 -0.44
C ALA A 290 -12.37 5.05 0.83
N GLU A 291 -13.68 5.06 0.68
CA GLU A 291 -14.58 5.18 1.82
C GLU A 291 -14.39 4.03 2.79
N GLY A 292 -14.77 4.24 4.04
CA GLY A 292 -14.57 3.24 5.09
C GLY A 292 -15.00 1.83 4.74
N GLU A 293 -16.25 1.66 4.34
CA GLU A 293 -16.75 0.32 4.04
C GLU A 293 -16.02 -0.30 2.87
N ALA A 294 -15.67 0.51 1.87
CA ALA A 294 -14.90 0.01 0.72
C ALA A 294 -13.51 -0.44 1.15
N PHE A 295 -12.88 0.35 2.02
CA PHE A 295 -11.57 0.04 2.58
C PHE A 295 -11.63 -1.26 3.38
N GLY A 296 -12.69 -1.42 4.15
CA GLY A 296 -12.92 -2.66 4.88
C GLY A 296 -13.02 -3.85 3.93
N ALA A 297 -13.75 -3.70 2.84
CA ALA A 297 -13.91 -4.78 1.88
C ALA A 297 -12.59 -5.14 1.20
N VAL A 298 -11.79 -4.13 0.88
CA VAL A 298 -10.48 -4.36 0.27
C VAL A 298 -9.59 -5.11 1.25
N MSE A 299 -9.61 -4.72 2.52
CA MSE A 299 -8.80 -5.42 3.51
C MSE A 299 -9.22 -6.89 3.69
O MSE A 299 -8.36 -7.75 3.84
CB MSE A 299 -8.84 -4.70 4.85
CG MSE A 299 -8.00 -3.43 4.88
SE MSE A 299 -7.70 -2.69 6.68
CE MSE A 299 -9.47 -1.94 6.97
N ALA A 300 -10.52 -7.17 3.67
CA ALA A 300 -10.97 -8.55 3.82
C ALA A 300 -10.52 -9.39 2.62
N ARG A 301 -10.68 -8.83 1.43
CA ARG A 301 -10.27 -9.51 0.22
C ARG A 301 -8.76 -9.76 0.23
N ASP A 302 -8.01 -8.72 0.58
CA ASP A 302 -6.55 -8.82 0.58
C ASP A 302 -6.05 -9.75 1.67
N HIS A 303 -6.70 -9.77 2.82
CA HIS A 303 -6.34 -10.69 3.88
C HIS A 303 -6.41 -12.14 3.37
N ALA A 304 -7.49 -12.47 2.66
CA ALA A 304 -7.67 -13.83 2.14
C ALA A 304 -6.63 -14.15 1.07
N PHE A 305 -6.34 -13.16 0.23
CA PHE A 305 -5.34 -13.30 -0.83
C PHE A 305 -3.95 -13.56 -0.26
N TYR A 306 -3.56 -12.77 0.74
CA TYR A 306 -2.26 -12.94 1.35
C TYR A 306 -2.16 -14.26 2.10
N LYS A 307 -3.25 -14.65 2.77
CA LYS A 307 -3.29 -15.93 3.47
C LYS A 307 -2.96 -17.07 2.51
N GLY A 308 -3.64 -17.10 1.37
CA GLY A 308 -3.45 -18.16 0.40
C GLY A 308 -2.04 -18.18 -0.18
N LEU A 309 -1.52 -17.01 -0.48
CA LEU A 309 -0.21 -16.89 -1.11
C LEU A 309 0.91 -17.23 -0.12
N ILE A 310 0.83 -16.68 1.08
CA ILE A 310 1.82 -16.97 2.11
C ILE A 310 1.85 -18.45 2.44
N ASN A 311 0.67 -19.07 2.50
CA ASN A 311 0.60 -20.50 2.76
C ASN A 311 1.24 -21.30 1.65
N LYS A 312 1.00 -20.91 0.40
CA LYS A 312 1.61 -21.59 -0.75
C LYS A 312 3.13 -21.51 -0.69
N LEU A 313 3.65 -20.33 -0.37
CA LEU A 313 5.08 -20.12 -0.28
C LEU A 313 5.67 -20.76 0.97
CL CL B . -16.76 6.83 4.35
CL CL C . 3.00 2.56 -7.20
CL CL D . 6.91 5.21 5.31
#